data_2QDY
#
_entry.id   2QDY
#
_cell.length_a   114.064
_cell.length_b   60.068
_cell.length_c   81.761
_cell.angle_alpha   90.000
_cell.angle_beta   125.150
_cell.angle_gamma   90.000
#
_symmetry.space_group_name_H-M   'C 1 2 1'
#
loop_
_entity.id
_entity.type
_entity.pdbx_description
1 polymer 'Nitrile hydratase subunit alpha'
2 polymer 'Nitrile hydratase subunit beta'
3 non-polymer 'FE (III) ION'
4 non-polymer 'CHLORIDE ION'
5 non-polymer 'MAGNESIUM ION'
6 non-polymer GLYCEROL
7 non-polymer 2-METHYLPROPAN-1-AMINE
8 water water
#
loop_
_entity_poly.entity_id
_entity_poly.type
_entity_poly.pdbx_seq_one_letter_code
_entity_poly.pdbx_strand_id
1 'polypeptide(L)'
;MSVTIDHTTENAAPAQAPVSDRAWALFRALDGKGLVPDGYVEGWKKTFEEDFSPRRGAELVARAWTDPEFRQLLLTDGTA
AVAQYGYLGPQGEYIVAVEDTPTLKNVIVCSL(CSD)S(CSD)TAWPILGLPPTWYKSFEYRARVVREPRKVLSEMGTEI
ASDIEIRVYDTTAETRYMVLPQRPAGTEGWSQEQLQEIVTKDCLIGVAIPQVPTV
;
A
2 'polypeptide(L)'
;MDGVHDLAGVQGFGKVPHTVNADIGPTFHAEWEHLPYSLMFAGVAELGAFSVDEVRYVVERMEPRHYMMTPYYERYVIGV
ATLMVEKGILTQDELESLAGGPFPLSRPSESEGRPAPVETTTFEVGQRVRVRDEYVPGHIRMPAYCRGRVGTISHRTTEK
WPFPDAIGHGRNDAGEEPTYHVKFAAEELFGSDTDGGSVVVDLFEGYLEPAA
;
B
#
loop_
_chem_comp.id
_chem_comp.type
_chem_comp.name
_chem_comp.formula
CL non-polymer 'CHLORIDE ION' 'Cl -1'
FE non-polymer 'FE (III) ION' 'Fe 3'
GOL non-polymer GLYCEROL 'C3 H8 O3'
IBN non-polymer 2-METHYLPROPAN-1-AMINE 'C4 H11 N'
MG non-polymer 'MAGNESIUM ION' 'Mg 2'
#
# COMPACT_ATOMS: atom_id res chain seq x y z
N GLU A 10 7.41 -29.37 13.80
CA GLU A 10 8.10 -28.09 14.12
C GLU A 10 8.08 -27.17 12.91
N ASN A 11 7.50 -25.99 13.09
CA ASN A 11 7.44 -24.95 12.02
C ASN A 11 6.58 -25.33 10.80
N ALA A 12 5.83 -26.43 10.91
CA ALA A 12 4.97 -26.91 9.83
C ALA A 12 3.74 -26.03 9.63
N ALA A 13 3.26 -26.02 8.39
CA ALA A 13 2.02 -25.33 8.05
C ALA A 13 0.78 -25.90 8.76
N PRO A 14 -0.16 -25.01 9.15
CA PRO A 14 -1.39 -25.52 9.73
C PRO A 14 -2.19 -26.22 8.63
N ALA A 15 -2.93 -27.27 8.97
CA ALA A 15 -3.87 -27.87 8.00
C ALA A 15 -4.88 -26.84 7.52
N GLN A 16 -5.10 -26.74 6.17
CA GLN A 16 -6.10 -25.83 5.66
C GLN A 16 -6.89 -26.42 4.51
N ALA A 17 -8.19 -26.17 4.48
CA ALA A 17 -8.98 -26.47 3.26
C ALA A 17 -8.42 -25.67 2.08
N PRO A 18 -8.68 -26.11 0.84
CA PRO A 18 -8.22 -25.31 -0.30
C PRO A 18 -8.67 -23.85 -0.19
N VAL A 19 -7.79 -22.93 -0.61
CA VAL A 19 -8.12 -21.50 -0.45
C VAL A 19 -9.40 -21.10 -1.19
N SER A 20 -9.68 -21.66 -2.37
CA SER A 20 -10.91 -21.31 -3.06
CA SER A 20 -10.92 -21.30 -3.05
C SER A 20 -12.11 -21.72 -2.21
N ASP A 21 -12.05 -22.88 -1.57
CA ASP A 21 -13.15 -23.30 -0.70
C ASP A 21 -13.33 -22.38 0.47
N ARG A 22 -12.23 -21.91 1.05
CA ARG A 22 -12.32 -20.98 2.18
C ARG A 22 -12.85 -19.60 1.74
N ALA A 23 -12.38 -19.11 0.60
CA ALA A 23 -12.87 -17.80 0.13
C ALA A 23 -14.36 -17.83 -0.22
N TRP A 24 -14.81 -18.87 -0.93
CA TRP A 24 -16.26 -18.99 -1.21
C TRP A 24 -17.07 -19.29 0.02
N ALA A 25 -16.48 -19.98 1.02
CA ALA A 25 -17.20 -20.19 2.29
C ALA A 25 -17.46 -18.86 2.98
N LEU A 26 -16.48 -17.97 2.95
CA LEU A 26 -16.63 -16.66 3.55
C LEU A 26 -17.72 -15.87 2.81
N PHE A 27 -17.70 -15.90 1.49
CA PHE A 27 -18.79 -15.29 0.69
C PHE A 27 -20.14 -15.88 1.05
N ARG A 28 -20.27 -17.20 1.06
CA ARG A 28 -21.57 -17.81 1.29
CA ARG A 28 -21.55 -17.84 1.29
C ARG A 28 -22.08 -17.57 2.69
N ALA A 29 -21.18 -17.58 3.69
CA ALA A 29 -21.61 -17.38 5.06
C ALA A 29 -22.23 -15.99 5.20
N LEU A 30 -21.59 -14.98 4.60
CA LEU A 30 -22.12 -13.60 4.65
C LEU A 30 -23.35 -13.42 3.78
N ASP A 31 -23.28 -13.90 2.55
CA ASP A 31 -24.37 -13.77 1.61
C ASP A 31 -25.64 -14.46 2.11
N GLY A 32 -25.47 -15.62 2.72
CA GLY A 32 -26.63 -16.40 3.18
C GLY A 32 -27.28 -15.78 4.40
N LYS A 33 -26.67 -14.76 5.00
CA LYS A 33 -27.27 -13.95 6.06
C LYS A 33 -27.80 -12.61 5.55
N GLY A 34 -27.79 -12.43 4.22
CA GLY A 34 -28.34 -11.19 3.65
C GLY A 34 -27.42 -9.98 3.82
N LEU A 35 -26.15 -10.22 4.11
CA LEU A 35 -25.26 -9.11 4.44
C LEU A 35 -24.53 -8.58 3.23
N VAL A 36 -24.70 -9.25 2.08
CA VAL A 36 -23.98 -8.84 0.85
C VAL A 36 -25.03 -8.45 -0.19
N PRO A 37 -25.12 -7.17 -0.50
CA PRO A 37 -26.17 -6.77 -1.48
C PRO A 37 -26.08 -7.53 -2.82
N ASP A 38 -27.22 -7.58 -3.51
CA ASP A 38 -27.28 -8.26 -4.79
C ASP A 38 -26.24 -7.62 -5.72
N GLY A 39 -25.44 -8.46 -6.36
CA GLY A 39 -24.46 -8.02 -7.35
C GLY A 39 -23.24 -7.30 -6.77
N TYR A 40 -23.09 -7.30 -5.45
CA TYR A 40 -22.08 -6.45 -4.81
C TYR A 40 -20.64 -6.86 -5.15
N VAL A 41 -20.31 -8.13 -4.92
CA VAL A 41 -18.91 -8.53 -5.22
C VAL A 41 -18.63 -8.56 -6.72
N GLU A 42 -19.65 -8.81 -7.52
CA GLU A 42 -19.47 -8.82 -8.96
C GLU A 42 -19.19 -7.40 -9.44
N GLY A 43 -19.88 -6.41 -8.84
CA GLY A 43 -19.67 -4.97 -9.11
C GLY A 43 -18.21 -4.59 -8.79
N TRP A 44 -17.74 -4.99 -7.62
CA TRP A 44 -16.35 -4.69 -7.29
C TRP A 44 -15.37 -5.36 -8.24
N LYS A 45 -15.64 -6.62 -8.62
CA LYS A 45 -14.74 -7.31 -9.52
C LYS A 45 -14.62 -6.48 -10.81
N LYS A 46 -15.76 -6.00 -11.32
CA LYS A 46 -15.73 -5.23 -12.55
C LYS A 46 -14.95 -3.90 -12.35
N THR A 47 -15.18 -3.21 -11.24
CA THR A 47 -14.42 -1.99 -10.95
C THR A 47 -12.93 -2.27 -10.93
N PHE A 48 -12.54 -3.32 -10.20
CA PHE A 48 -11.11 -3.66 -10.04
C PHE A 48 -10.48 -4.04 -11.39
N GLU A 49 -11.23 -4.74 -12.26
CA GLU A 49 -10.69 -5.22 -13.53
C GLU A 49 -10.72 -4.19 -14.62
N GLU A 50 -11.72 -3.33 -14.62
CA GLU A 50 -11.98 -2.50 -15.79
C GLU A 50 -11.74 -1.02 -15.57
N ASP A 51 -12.01 -0.55 -14.38
CA ASP A 51 -11.95 0.89 -14.13
C ASP A 51 -10.63 1.32 -13.51
N PHE A 52 -10.18 0.63 -12.47
CA PHE A 52 -8.92 0.99 -11.83
C PHE A 52 -7.81 0.52 -12.77
N SER A 53 -7.04 1.45 -13.33
CA SER A 53 -6.17 1.08 -14.45
C SER A 53 -5.03 2.05 -14.55
N PRO A 54 -3.80 1.53 -14.83
CA PRO A 54 -2.66 2.43 -15.09
C PRO A 54 -2.83 3.21 -16.38
N ARG A 55 -3.81 2.89 -17.21
CA ARG A 55 -4.05 3.76 -18.39
C ARG A 55 -4.47 5.14 -17.94
N ARG A 56 -5.13 5.23 -16.79
CA ARG A 56 -5.50 6.52 -16.22
C ARG A 56 -4.29 7.35 -15.77
N GLY A 57 -3.38 6.73 -15.01
CA GLY A 57 -2.18 7.46 -14.64
C GLY A 57 -1.38 7.85 -15.87
N ALA A 58 -1.34 6.97 -16.90
CA ALA A 58 -0.65 7.33 -18.16
C ALA A 58 -1.25 8.56 -18.82
N GLU A 59 -2.58 8.67 -18.80
CA GLU A 59 -3.26 9.84 -19.34
C GLU A 59 -2.87 11.10 -18.58
N LEU A 60 -2.77 10.99 -17.25
CA LEU A 60 -2.35 12.13 -16.43
C LEU A 60 -0.91 12.56 -16.73
N VAL A 61 0.00 11.60 -16.87
CA VAL A 61 1.37 11.92 -17.22
C VAL A 61 1.48 12.59 -18.57
N ALA A 62 0.84 11.99 -19.58
CA ALA A 62 0.87 12.60 -20.92
C ALA A 62 0.32 14.02 -20.96
N ARG A 63 -0.74 14.26 -20.19
CA ARG A 63 -1.28 15.63 -20.09
C ARG A 63 -0.22 16.52 -19.42
N ALA A 64 0.34 16.10 -18.29
CA ALA A 64 1.38 16.91 -17.65
C ALA A 64 2.57 17.22 -18.57
N TRP A 65 2.98 16.24 -19.34
CA TRP A 65 4.10 16.41 -20.25
C TRP A 65 3.84 17.43 -21.34
N THR A 66 2.58 17.64 -21.70
CA THR A 66 2.27 18.51 -22.84
C THR A 66 1.61 19.79 -22.42
N ASP A 67 1.33 19.97 -21.13
CA ASP A 67 0.54 21.09 -20.61
C ASP A 67 1.17 21.61 -19.31
N PRO A 68 2.02 22.65 -19.43
CA PRO A 68 2.75 23.13 -18.24
C PRO A 68 1.85 23.49 -17.09
N GLU A 69 0.69 24.08 -17.38
CA GLU A 69 -0.24 24.46 -16.32
C GLU A 69 -0.78 23.24 -15.60
N PHE A 70 -1.13 22.20 -16.36
CA PHE A 70 -1.58 20.96 -15.71
C PHE A 70 -0.47 20.32 -14.93
N ARG A 71 0.73 20.31 -15.48
CA ARG A 71 1.88 19.75 -14.76
C ARG A 71 1.99 20.38 -13.35
N GLN A 72 1.92 21.71 -13.32
CA GLN A 72 2.03 22.44 -12.06
CA GLN A 72 2.07 22.39 -12.06
C GLN A 72 0.93 22.05 -11.09
N LEU A 73 -0.29 21.94 -11.59
CA LEU A 73 -1.41 21.53 -10.76
C LEU A 73 -1.22 20.07 -10.20
N LEU A 74 -0.84 19.19 -11.09
CA LEU A 74 -0.59 17.77 -10.66
C LEU A 74 0.46 17.68 -9.57
N LEU A 75 1.51 18.51 -9.66
CA LEU A 75 2.59 18.45 -8.67
C LEU A 75 2.30 19.20 -7.37
N THR A 76 1.34 20.12 -7.41
CA THR A 76 1.02 20.91 -6.20
C THR A 76 -0.26 20.46 -5.50
N ASP A 77 -1.21 19.94 -6.29
CA ASP A 77 -2.47 19.47 -5.76
C ASP A 77 -2.89 18.27 -6.61
N GLY A 78 -2.25 17.13 -6.37
CA GLY A 78 -2.51 15.94 -7.16
C GLY A 78 -3.97 15.55 -7.09
N THR A 79 -4.57 15.65 -5.89
CA THR A 79 -5.98 15.30 -5.74
C THR A 79 -6.83 16.11 -6.71
N ALA A 80 -6.61 17.42 -6.75
CA ALA A 80 -7.45 18.26 -7.64
C ALA A 80 -7.22 17.90 -9.10
N ALA A 81 -5.96 17.62 -9.49
CA ALA A 81 -5.65 17.27 -10.87
C ALA A 81 -6.37 15.98 -11.27
N VAL A 82 -6.28 14.97 -10.40
CA VAL A 82 -6.91 13.70 -10.66
C VAL A 82 -8.43 13.86 -10.70
N ALA A 83 -8.97 14.67 -9.80
CA ALA A 83 -10.41 14.87 -9.76
C ALA A 83 -10.93 15.49 -11.07
N GLN A 84 -10.12 16.29 -11.75
CA GLN A 84 -10.60 16.88 -13.03
C GLN A 84 -10.96 15.83 -14.02
N TYR A 85 -10.24 14.70 -13.98
CA TYR A 85 -10.49 13.58 -14.88
C TYR A 85 -11.54 12.60 -14.32
N GLY A 86 -11.98 12.80 -13.07
CA GLY A 86 -12.96 11.93 -12.42
C GLY A 86 -12.30 10.61 -11.92
N TYR A 87 -10.98 10.64 -11.63
CA TYR A 87 -10.28 9.41 -11.28
C TYR A 87 -9.97 9.25 -9.79
N LEU A 88 -10.55 10.06 -8.91
CA LEU A 88 -10.45 9.75 -7.49
C LEU A 88 -11.21 8.46 -7.19
N GLY A 89 -10.84 7.73 -6.14
CA GLY A 89 -11.62 6.57 -5.80
C GLY A 89 -10.97 5.90 -4.58
N PRO A 90 -11.49 4.72 -4.21
CA PRO A 90 -10.97 3.93 -3.08
C PRO A 90 -9.46 3.77 -3.24
N GLN A 91 -8.77 4.05 -2.13
N GLN A 91 -8.72 3.92 -2.14
CA GLN A 91 -7.31 3.96 -2.06
CA GLN A 91 -7.23 3.87 -2.17
C GLN A 91 -6.70 4.91 -3.07
C GLN A 91 -6.67 4.94 -3.11
N GLY A 92 -7.37 6.05 -3.29
CA GLY A 92 -6.92 7.04 -4.23
C GLY A 92 -7.67 8.34 -4.02
N GLU A 93 -7.82 8.74 -2.77
CA GLU A 93 -8.59 9.94 -2.43
C GLU A 93 -7.70 11.11 -2.12
N TYR A 94 -6.44 10.88 -1.75
CA TYR A 94 -5.50 11.95 -1.41
C TYR A 94 -4.22 11.63 -2.21
N ILE A 95 -4.03 12.32 -3.35
CA ILE A 95 -2.99 11.94 -4.30
C ILE A 95 -1.84 12.93 -4.26
N VAL A 96 -0.60 12.39 -4.20
CA VAL A 96 0.59 13.20 -4.39
C VAL A 96 1.37 12.59 -5.58
N ALA A 97 1.66 13.43 -6.57
CA ALA A 97 2.53 13.03 -7.65
C ALA A 97 3.93 13.52 -7.35
N VAL A 98 4.93 12.67 -7.59
CA VAL A 98 6.30 13.02 -7.27
C VAL A 98 7.10 13.06 -8.58
N GLU A 99 7.87 14.15 -8.75
CA GLU A 99 8.49 14.45 -10.01
C GLU A 99 9.93 13.92 -10.09
N ASP A 100 10.20 13.06 -11.07
CA ASP A 100 11.58 12.69 -11.40
C ASP A 100 12.24 13.90 -12.07
N THR A 101 13.56 13.98 -11.88
CA THR A 101 14.35 15.07 -12.47
C THR A 101 15.67 14.47 -12.94
N PRO A 102 16.52 15.26 -13.63
CA PRO A 102 17.80 14.72 -14.02
C PRO A 102 18.66 14.24 -12.86
N THR A 103 18.36 14.62 -11.62
CA THR A 103 19.17 14.14 -10.48
C THR A 103 18.36 13.35 -9.44
N LEU A 104 17.12 12.96 -9.79
CA LEU A 104 16.26 12.33 -8.77
C LEU A 104 15.37 11.31 -9.46
N LYS A 105 15.41 10.07 -8.95
CA LYS A 105 14.45 9.03 -9.37
C LYS A 105 13.61 8.64 -8.18
N ASN A 106 12.29 8.70 -8.34
CA ASN A 106 11.35 8.30 -7.28
C ASN A 106 10.79 6.91 -7.50
N VAL A 107 10.55 6.20 -6.41
CA VAL A 107 10.03 4.84 -6.47
C VAL A 107 9.08 4.66 -5.30
N ILE A 108 7.98 3.94 -5.50
CA ILE A 108 6.93 3.77 -4.47
C ILE A 108 6.87 2.31 -4.01
N VAL A 109 6.58 2.13 -2.72
CA VAL A 109 6.35 0.79 -2.13
C VAL A 109 5.31 0.95 -1.00
N CYS A 110 4.75 -0.17 -0.57
CA CYS A 110 4.10 -0.23 0.73
C CYS A 110 4.80 -1.36 1.50
N SER A 111 5.79 -0.99 2.31
CA SER A 111 6.58 -2.02 2.96
C SER A 111 5.74 -2.82 3.93
N LEU A 112 4.66 -2.24 4.48
CA LEU A 112 3.88 -2.90 5.50
C LEU A 112 2.75 -3.79 4.93
N CSD A 113 2.48 -3.68 3.62
CA CSD A 113 1.38 -4.43 2.99
CB CSD A 113 0.00 -4.13 3.71
SG CSD A 113 -0.41 -2.35 3.78
C CSD A 113 1.36 -4.26 1.48
O CSD A 113 1.99 -5.09 0.80
OD1 CSD A 113 0.51 -1.75 4.83
OD2 CSD A 113 -1.83 -2.39 4.29
N SER A 114 0.62 -3.27 0.92
CA SER A 114 0.54 -3.25 -0.54
C SER A 114 -0.05 -1.96 -1.06
N CSD A 115 -0.27 -1.03 -0.14
CA CSD A 115 -0.92 0.23 -0.49
CB CSD A 115 -0.83 1.20 0.70
SG CSD A 115 -1.32 0.22 2.16
C CSD A 115 -0.35 0.87 -1.76
O CSD A 115 0.87 1.04 -1.97
OD1 CSD A 115 -2.85 -0.02 1.96
OD2 CSD A 115 -1.07 1.04 3.36
N THR A 116 -1.34 1.29 -2.59
CA THR A 116 -1.13 1.69 -4.00
C THR A 116 -2.31 2.61 -4.35
N ALA A 117 -2.03 3.61 -5.19
CA ALA A 117 -3.09 4.48 -5.75
C ALA A 117 -3.95 3.68 -6.75
N TRP A 118 -4.83 2.83 -6.22
CA TRP A 118 -5.58 1.89 -7.10
C TRP A 118 -6.24 2.52 -8.34
N PRO A 119 -6.96 3.65 -8.20
CA PRO A 119 -7.78 4.05 -9.36
C PRO A 119 -6.98 4.49 -10.55
N ILE A 120 -5.73 4.95 -10.31
CA ILE A 120 -4.92 5.49 -11.38
C ILE A 120 -3.68 4.64 -11.75
N LEU A 121 -3.34 3.67 -10.87
CA LEU A 121 -2.26 2.69 -11.14
C LEU A 121 -2.77 1.31 -11.39
N GLY A 122 -4.04 1.05 -11.05
CA GLY A 122 -4.52 -0.31 -10.98
C GLY A 122 -4.15 -0.98 -9.67
N LEU A 123 -4.82 -2.09 -9.34
CA LEU A 123 -4.44 -2.88 -8.15
C LEU A 123 -2.97 -3.29 -8.30
N PRO A 124 -2.27 -3.41 -7.16
CA PRO A 124 -0.84 -3.73 -7.28
C PRO A 124 -0.62 -5.12 -7.87
N PRO A 125 0.49 -5.28 -8.60
CA PRO A 125 0.83 -6.58 -9.14
C PRO A 125 1.45 -7.48 -8.06
N THR A 126 1.43 -8.80 -8.27
CA THR A 126 2.01 -9.71 -7.32
C THR A 126 3.41 -9.28 -6.89
N TRP A 127 4.26 -8.86 -7.84
CA TRP A 127 5.64 -8.58 -7.47
C TRP A 127 5.74 -7.40 -6.48
N TYR A 128 4.86 -6.41 -6.58
CA TYR A 128 4.95 -5.24 -5.72
C TYR A 128 4.58 -5.61 -4.29
N LYS A 129 3.70 -6.61 -4.15
CA LYS A 129 3.27 -7.09 -2.86
C LYS A 129 4.17 -8.18 -2.32
N SER A 130 5.22 -8.55 -3.05
CA SER A 130 6.10 -9.64 -2.63
C SER A 130 6.94 -9.22 -1.45
N PHE A 131 7.30 -10.21 -0.63
CA PHE A 131 8.18 -9.89 0.48
C PHE A 131 9.52 -9.37 -0.02
N GLU A 132 9.95 -9.87 -1.19
CA GLU A 132 11.24 -9.43 -1.76
C GLU A 132 11.22 -7.90 -1.99
N TYR A 133 10.15 -7.38 -2.64
CA TYR A 133 10.13 -5.97 -2.92
C TYR A 133 9.93 -5.15 -1.65
N ARG A 134 8.98 -5.60 -0.80
CA ARG A 134 8.71 -4.91 0.45
C ARG A 134 9.92 -4.81 1.39
N ALA A 135 10.75 -5.86 1.44
CA ALA A 135 11.93 -5.84 2.29
C ALA A 135 13.05 -5.03 1.65
N ARG A 136 13.23 -5.20 0.35
CA ARG A 136 14.51 -4.76 -0.27
C ARG A 136 14.48 -3.37 -0.84
N VAL A 137 13.37 -2.90 -1.44
CA VAL A 137 13.51 -1.66 -2.19
C VAL A 137 13.76 -0.45 -1.27
N VAL A 138 13.35 -0.51 0.00
CA VAL A 138 13.61 0.57 0.93
C VAL A 138 15.13 0.72 1.22
N ARG A 139 15.84 -0.41 1.25
CA ARG A 139 17.24 -0.46 1.63
C ARG A 139 18.18 -0.47 0.45
N GLU A 140 17.84 -1.17 -0.63
CA GLU A 140 18.76 -1.23 -1.78
C GLU A 140 17.98 -1.02 -3.08
N PRO A 141 17.36 0.18 -3.21
CA PRO A 141 16.58 0.39 -4.41
C PRO A 141 17.40 0.34 -5.70
N ARG A 142 18.68 0.75 -5.65
CA ARG A 142 19.42 0.75 -6.89
C ARG A 142 19.65 -0.68 -7.40
N LYS A 143 20.02 -1.59 -6.49
CA LYS A 143 20.21 -2.97 -6.88
C LYS A 143 18.86 -3.58 -7.30
N VAL A 144 17.78 -3.29 -6.57
CA VAL A 144 16.49 -3.83 -6.96
C VAL A 144 16.09 -3.38 -8.36
N LEU A 145 16.17 -2.07 -8.60
CA LEU A 145 15.79 -1.59 -9.93
C LEU A 145 16.69 -2.22 -11.00
N SER A 146 18.00 -2.36 -10.72
CA SER A 146 18.91 -2.93 -11.71
C SER A 146 18.53 -4.36 -12.04
N GLU A 147 18.25 -5.14 -11.00
CA GLU A 147 17.80 -6.52 -11.24
C GLU A 147 16.52 -6.60 -12.04
N MET A 148 15.66 -5.60 -11.86
CA MET A 148 14.40 -5.56 -12.55
CA MET A 148 14.41 -5.52 -12.56
C MET A 148 14.54 -5.03 -13.98
N GLY A 149 15.73 -4.53 -14.37
CA GLY A 149 15.93 -4.07 -15.75
C GLY A 149 16.09 -2.56 -15.90
N THR A 150 16.21 -1.82 -14.78
CA THR A 150 16.31 -0.36 -14.88
C THR A 150 17.61 0.06 -14.21
N GLU A 151 18.54 0.59 -15.03
CA GLU A 151 19.80 1.09 -14.49
C GLU A 151 19.70 2.57 -14.12
N ILE A 152 19.99 2.88 -12.87
CA ILE A 152 20.04 4.25 -12.40
C ILE A 152 21.52 4.53 -12.06
N ALA A 153 22.04 5.44 -12.86
CA ALA A 153 23.39 5.97 -12.75
C ALA A 153 23.55 6.68 -11.45
N SER A 154 24.77 6.64 -10.88
CA SER A 154 24.88 7.26 -9.57
C SER A 154 25.02 8.76 -9.53
N ASP A 155 24.82 9.46 -10.66
CA ASP A 155 24.50 10.90 -10.52
C ASP A 155 23.04 11.19 -10.14
N ILE A 156 22.28 10.13 -9.90
CA ILE A 156 20.86 10.27 -9.54
C ILE A 156 20.55 9.81 -8.08
N GLU A 157 20.00 10.69 -7.25
CA GLU A 157 19.48 10.27 -5.94
C GLU A 157 18.22 9.40 -6.16
N ILE A 158 18.16 8.23 -5.52
CA ILE A 158 16.91 7.45 -5.54
C ILE A 158 16.19 7.77 -4.24
N ARG A 159 14.89 8.08 -4.38
CA ARG A 159 14.05 8.41 -3.25
C ARG A 159 12.88 7.42 -3.24
N VAL A 160 12.78 6.68 -2.17
CA VAL A 160 11.74 5.68 -2.02
C VAL A 160 10.63 6.24 -1.13
N TYR A 161 9.39 6.27 -1.66
CA TYR A 161 8.23 6.67 -0.86
C TYR A 161 7.56 5.41 -0.32
N ASP A 162 7.53 5.27 1.03
CA ASP A 162 6.86 4.14 1.67
C ASP A 162 5.46 4.61 2.00
N THR A 163 4.47 3.93 1.44
CA THR A 163 3.05 4.32 1.56
C THR A 163 2.53 3.78 2.89
N THR A 164 2.70 4.57 3.95
CA THR A 164 2.43 4.15 5.31
C THR A 164 1.17 4.78 5.89
N ALA A 165 0.52 5.71 5.18
CA ALA A 165 -0.69 6.34 5.75
C ALA A 165 -1.69 6.48 4.61
N GLU A 166 -2.30 7.66 4.45
CA GLU A 166 -3.36 7.85 3.47
C GLU A 166 -2.89 8.50 2.18
N THR A 167 -1.69 9.10 2.14
CA THR A 167 -1.22 9.59 0.85
C THR A 167 -1.08 8.44 -0.12
N ARG A 168 -1.54 8.64 -1.34
CA ARG A 168 -1.36 7.67 -2.40
C ARG A 168 -0.60 8.34 -3.51
N TYR A 169 0.49 7.69 -3.92
CA TYR A 169 1.48 8.30 -4.82
C TYR A 169 1.39 7.84 -6.25
N MET A 170 1.85 8.71 -7.15
CA MET A 170 2.20 8.29 -8.51
C MET A 170 3.50 9.02 -8.85
N VAL A 171 4.35 8.35 -9.64
CA VAL A 171 5.58 8.98 -10.15
C VAL A 171 5.24 9.69 -11.46
N LEU A 172 5.70 10.93 -11.57
CA LEU A 172 5.70 11.63 -12.87
C LEU A 172 7.13 11.46 -13.44
N PRO A 173 7.32 10.51 -14.37
CA PRO A 173 8.69 10.27 -14.84
C PRO A 173 9.13 11.43 -15.74
N GLN A 174 10.41 11.52 -16.01
CA GLN A 174 10.87 12.48 -16.99
C GLN A 174 10.38 12.07 -18.38
N ARG A 175 10.17 13.06 -19.24
CA ARG A 175 9.77 12.76 -20.62
C ARG A 175 11.00 12.45 -21.44
N PRO A 176 11.05 11.27 -22.08
CA PRO A 176 12.28 10.92 -22.81
C PRO A 176 12.43 11.70 -24.10
N ALA A 177 13.68 11.97 -24.45
CA ALA A 177 14.00 12.57 -25.74
C ALA A 177 13.50 11.65 -26.84
N GLY A 178 13.16 12.25 -27.99
CA GLY A 178 12.67 11.49 -29.10
C GLY A 178 11.15 11.40 -29.13
N THR A 179 10.47 12.10 -28.22
CA THR A 179 8.99 12.14 -28.18
C THR A 179 8.47 13.54 -28.46
N GLU A 180 9.33 14.42 -28.98
CA GLU A 180 8.90 15.81 -29.16
C GLU A 180 7.78 15.85 -30.20
N GLY A 181 6.72 16.58 -29.86
CA GLY A 181 5.56 16.72 -30.76
C GLY A 181 4.59 15.56 -30.76
N TRP A 182 4.89 14.46 -30.03
CA TRP A 182 3.96 13.34 -30.03
C TRP A 182 2.61 13.79 -29.47
N SER A 183 1.55 13.09 -29.87
CA SER A 183 0.23 13.39 -29.33
C SER A 183 0.12 12.80 -27.92
N GLN A 184 -0.87 13.24 -27.18
CA GLN A 184 -1.11 12.65 -25.86
C GLN A 184 -1.33 11.14 -25.95
N GLU A 185 -2.02 10.66 -26.98
CA GLU A 185 -2.23 9.23 -27.11
C GLU A 185 -0.92 8.46 -27.37
N GLN A 186 -0.04 9.05 -28.17
CA GLN A 186 1.25 8.45 -28.40
C GLN A 186 2.10 8.42 -27.13
N LEU A 187 2.04 9.50 -26.35
CA LEU A 187 2.82 9.56 -25.09
C LEU A 187 2.23 8.59 -24.08
N GLN A 188 0.90 8.51 -23.98
CA GLN A 188 0.28 7.58 -23.04
CA GLN A 188 0.28 7.60 -23.04
C GLN A 188 0.79 6.17 -23.22
N GLU A 189 1.01 5.77 -24.46
CA GLU A 189 1.36 4.39 -24.76
C GLU A 189 2.67 3.97 -24.10
N ILE A 190 3.60 4.92 -23.89
CA ILE A 190 4.91 4.57 -23.33
C ILE A 190 4.97 4.78 -21.80
N VAL A 191 3.89 5.32 -21.21
CA VAL A 191 3.82 5.39 -19.76
C VAL A 191 3.16 4.13 -19.21
N THR A 192 3.96 3.19 -18.74
CA THR A 192 3.39 1.93 -18.31
C THR A 192 3.10 1.95 -16.80
N LYS A 193 2.47 0.89 -16.32
CA LYS A 193 2.22 0.73 -14.92
C LYS A 193 3.50 0.85 -14.13
N ASP A 194 4.58 0.22 -14.62
CA ASP A 194 5.84 0.23 -13.90
C ASP A 194 6.49 1.63 -13.87
N CYS A 195 6.21 2.46 -14.87
CA CYS A 195 6.67 3.84 -14.84
C CYS A 195 5.96 4.64 -13.78
N LEU A 196 4.66 4.35 -13.56
CA LEU A 196 3.90 5.05 -12.53
C LEU A 196 4.33 4.65 -11.12
N ILE A 197 4.72 3.37 -10.93
CA ILE A 197 5.21 2.90 -9.65
C ILE A 197 6.62 3.43 -9.40
N GLY A 198 7.37 3.62 -10.48
CA GLY A 198 8.70 4.23 -10.41
C GLY A 198 9.86 3.26 -10.66
N VAL A 199 9.57 1.98 -10.92
CA VAL A 199 10.65 1.02 -11.19
C VAL A 199 11.11 0.99 -12.64
N ALA A 200 10.37 1.63 -13.55
CA ALA A 200 10.74 1.67 -14.97
C ALA A 200 10.76 3.12 -15.44
N ILE A 201 11.56 3.33 -16.48
CA ILE A 201 11.63 4.63 -17.11
CA ILE A 201 11.68 4.60 -17.17
C ILE A 201 10.97 4.45 -18.50
N PRO A 202 10.14 5.44 -18.93
CA PRO A 202 9.47 5.30 -20.23
C PRO A 202 10.47 5.12 -21.37
N GLN A 203 10.16 4.19 -22.27
CA GLN A 203 11.05 3.76 -23.35
C GLN A 203 10.52 4.28 -24.67
N VAL A 204 11.42 4.80 -25.50
CA VAL A 204 11.06 5.25 -26.84
C VAL A 204 11.62 4.22 -27.82
N PRO A 205 10.79 3.72 -28.73
CA PRO A 205 11.32 2.76 -29.72
C PRO A 205 12.48 3.32 -30.55
N THR A 206 13.42 2.45 -30.91
CA THR A 206 14.57 2.84 -31.70
C THR A 206 14.22 2.72 -33.18
N MET B 1 3.01 -2.89 16.12
CA MET B 1 3.27 -4.33 16.46
C MET B 1 4.52 -4.71 15.67
N ASP B 2 5.53 -5.24 16.40
CA ASP B 2 6.83 -5.58 15.79
C ASP B 2 6.75 -6.96 15.16
N GLY B 3 5.82 -7.12 14.24
CA GLY B 3 5.55 -8.42 13.64
C GLY B 3 6.39 -8.67 12.42
N VAL B 4 6.28 -9.90 11.91
CA VAL B 4 7.06 -10.23 10.72
C VAL B 4 6.60 -9.42 9.51
N HIS B 5 5.39 -8.86 9.52
CA HIS B 5 4.95 -8.03 8.39
C HIS B 5 5.82 -6.78 8.22
N ASP B 6 6.59 -6.40 9.24
CA ASP B 6 7.39 -5.16 9.18
C ASP B 6 8.70 -5.55 8.51
N LEU B 7 8.63 -5.67 7.20
CA LEU B 7 9.69 -6.29 6.40
C LEU B 7 10.73 -5.33 5.88
N ALA B 8 10.46 -4.03 5.81
CA ALA B 8 11.47 -3.15 5.21
C ALA B 8 12.80 -3.28 5.93
N GLY B 9 13.86 -3.47 5.15
CA GLY B 9 15.21 -3.57 5.70
C GLY B 9 15.62 -4.99 6.05
N VAL B 10 14.70 -5.97 6.04
CA VAL B 10 15.10 -7.35 6.28
C VAL B 10 15.98 -7.81 5.13
N GLN B 11 17.06 -8.53 5.51
CA GLN B 11 18.06 -9.00 4.55
C GLN B 11 17.92 -10.50 4.37
N GLY B 12 18.29 -10.98 3.18
CA GLY B 12 18.25 -12.39 2.87
C GLY B 12 17.27 -12.82 1.81
N PHE B 13 16.33 -11.91 1.44
CA PHE B 13 15.44 -12.23 0.30
C PHE B 13 16.15 -12.19 -1.03
N GLY B 14 15.64 -13.01 -1.95
CA GLY B 14 16.10 -13.05 -3.32
C GLY B 14 15.54 -11.98 -4.22
N LYS B 15 15.61 -12.24 -5.53
CA LYS B 15 15.19 -11.28 -6.53
C LYS B 15 13.69 -11.02 -6.45
N VAL B 16 13.32 -9.78 -6.73
CA VAL B 16 11.89 -9.48 -6.91
C VAL B 16 11.45 -10.28 -8.14
N PRO B 17 10.27 -10.95 -8.06
CA PRO B 17 9.83 -11.79 -9.19
C PRO B 17 9.20 -11.00 -10.33
N HIS B 18 10.01 -10.15 -10.99
CA HIS B 18 9.49 -9.34 -12.06
C HIS B 18 10.68 -8.76 -12.82
N THR B 19 10.46 -8.46 -14.09
CA THR B 19 11.35 -7.58 -14.86
C THR B 19 10.43 -6.50 -15.43
N VAL B 20 10.93 -5.28 -15.55
CA VAL B 20 10.02 -4.18 -15.88
C VAL B 20 9.26 -4.42 -17.18
N ASN B 21 7.99 -4.05 -17.09
CA ASN B 21 7.05 -4.19 -18.21
C ASN B 21 6.73 -5.60 -18.63
N ALA B 22 7.12 -6.58 -17.83
CA ALA B 22 6.70 -7.94 -18.09
C ALA B 22 5.20 -8.05 -17.95
N ASP B 23 4.62 -8.99 -18.67
CA ASP B 23 3.21 -9.34 -18.56
C ASP B 23 2.88 -9.84 -17.15
N ILE B 24 2.00 -9.13 -16.46
CA ILE B 24 1.61 -9.55 -15.09
C ILE B 24 0.32 -10.35 -15.09
N GLY B 25 -0.22 -10.57 -16.29
CA GLY B 25 -1.42 -11.42 -16.42
C GLY B 25 -2.65 -10.62 -15.97
N PRO B 26 -3.79 -11.32 -15.80
CA PRO B 26 -5.03 -10.62 -15.45
C PRO B 26 -4.97 -10.05 -14.03
N THR B 27 -5.87 -9.13 -13.70
CA THR B 27 -5.95 -8.58 -12.34
C THR B 27 -6.08 -9.70 -11.32
N PHE B 28 -6.98 -10.65 -11.60
CA PHE B 28 -7.21 -11.79 -10.73
C PHE B 28 -6.83 -13.06 -11.47
N HIS B 29 -6.00 -13.87 -10.83
CA HIS B 29 -5.48 -15.09 -11.44
C HIS B 29 -6.29 -16.30 -11.05
N ALA B 30 -7.26 -16.14 -10.15
CA ALA B 30 -8.14 -17.24 -9.79
C ALA B 30 -9.51 -16.67 -9.54
N GLU B 31 -10.55 -17.50 -9.69
CA GLU B 31 -11.91 -16.99 -9.66
C GLU B 31 -12.38 -16.46 -8.29
N TRP B 32 -11.64 -16.75 -7.21
CA TRP B 32 -12.02 -16.28 -5.88
C TRP B 32 -11.32 -14.99 -5.49
N GLU B 33 -10.32 -14.55 -6.26
CA GLU B 33 -9.38 -13.55 -5.76
C GLU B 33 -9.95 -12.16 -5.55
N HIS B 34 -11.10 -11.87 -6.20
CA HIS B 34 -11.76 -10.58 -5.93
C HIS B 34 -12.55 -10.58 -4.63
N LEU B 35 -12.72 -11.73 -4.01
CA LEU B 35 -13.58 -11.80 -2.82
C LEU B 35 -13.01 -11.09 -1.60
N PRO B 36 -11.68 -11.29 -1.28
CA PRO B 36 -11.26 -10.62 -0.06
C PRO B 36 -11.45 -9.08 -0.05
N TYR B 37 -11.08 -8.41 -1.15
CA TYR B 37 -11.24 -6.95 -1.12
C TYR B 37 -12.72 -6.59 -1.15
N SER B 38 -13.52 -7.32 -1.95
CA SER B 38 -14.95 -6.99 -2.06
C SER B 38 -15.63 -7.19 -0.72
N LEU B 39 -15.27 -8.26 0.00
CA LEU B 39 -15.88 -8.50 1.32
C LEU B 39 -15.34 -7.61 2.41
N MET B 40 -14.09 -7.19 2.29
CA MET B 40 -13.57 -6.11 3.15
C MET B 40 -14.47 -4.88 2.99
N PHE B 41 -14.77 -4.49 1.75
CA PHE B 41 -15.60 -3.29 1.58
C PHE B 41 -17.04 -3.51 2.02
N ALA B 42 -17.56 -4.73 1.84
CA ALA B 42 -18.87 -4.99 2.43
C ALA B 42 -18.79 -4.75 3.95
N GLY B 43 -17.76 -5.26 4.62
CA GLY B 43 -17.66 -5.09 6.07
C GLY B 43 -17.48 -3.63 6.46
N VAL B 44 -16.66 -2.88 5.71
CA VAL B 44 -16.40 -1.48 6.06
C VAL B 44 -17.59 -0.57 5.73
N ALA B 45 -18.04 -0.66 4.49
CA ALA B 45 -18.97 0.34 3.96
C ALA B 45 -20.43 -0.05 4.09
N GLU B 46 -20.73 -1.34 4.04
CA GLU B 46 -22.13 -1.79 4.05
C GLU B 46 -22.55 -2.19 5.45
N LEU B 47 -21.72 -2.97 6.12
CA LEU B 47 -22.00 -3.46 7.47
CA LEU B 47 -22.06 -3.37 7.47
C LEU B 47 -21.57 -2.47 8.55
N GLY B 48 -20.56 -1.67 8.25
CA GLY B 48 -19.98 -0.80 9.30
C GLY B 48 -19.38 -1.65 10.43
N ALA B 49 -18.91 -2.87 10.11
CA ALA B 49 -18.45 -3.82 11.15
C ALA B 49 -17.01 -3.55 11.63
N PHE B 50 -16.23 -2.92 10.77
CA PHE B 50 -14.79 -2.69 11.05
C PHE B 50 -14.25 -1.64 10.11
N SER B 51 -13.07 -1.12 10.44
CA SER B 51 -12.36 -0.16 9.62
C SER B 51 -11.34 -0.86 8.71
N VAL B 52 -10.85 -0.15 7.69
CA VAL B 52 -9.73 -0.68 6.90
C VAL B 52 -8.52 -0.92 7.80
N ASP B 53 -8.31 -0.04 8.78
CA ASP B 53 -7.18 -0.23 9.69
C ASP B 53 -7.28 -1.53 10.45
N GLU B 54 -8.46 -1.92 10.87
CA GLU B 54 -8.67 -3.23 11.54
C GLU B 54 -8.32 -4.39 10.61
N VAL B 55 -8.58 -4.24 9.31
CA VAL B 55 -8.16 -5.25 8.32
C VAL B 55 -6.61 -5.33 8.28
N ARG B 56 -5.93 -4.18 8.23
CA ARG B 56 -4.47 -4.27 8.25
C ARG B 56 -4.00 -4.98 9.50
N TYR B 57 -4.56 -4.63 10.64
CA TYR B 57 -4.10 -5.20 11.88
C TYR B 57 -4.42 -6.67 12.02
N VAL B 58 -5.58 -7.13 11.59
CA VAL B 58 -5.91 -8.53 11.71
C VAL B 58 -4.96 -9.36 10.84
N VAL B 59 -4.50 -8.82 9.70
CA VAL B 59 -3.49 -9.54 8.90
C VAL B 59 -2.15 -9.52 9.63
N GLU B 60 -1.77 -8.42 10.27
CA GLU B 60 -0.54 -8.40 11.09
C GLU B 60 -0.61 -9.46 12.17
N ARG B 61 -1.81 -9.80 12.61
CA ARG B 61 -2.02 -10.75 13.71
C ARG B 61 -2.04 -12.21 13.24
N MET B 62 -1.86 -12.48 11.95
CA MET B 62 -1.66 -13.89 11.55
C MET B 62 -0.49 -14.47 12.34
N GLU B 63 -0.59 -15.74 12.73
CA GLU B 63 0.58 -16.36 13.36
C GLU B 63 1.78 -16.19 12.37
N PRO B 64 2.99 -15.91 12.90
CA PRO B 64 4.05 -15.48 11.97
C PRO B 64 4.44 -16.44 10.88
N ARG B 65 4.55 -17.73 11.20
CA ARG B 65 4.84 -18.69 10.14
C ARG B 65 3.69 -18.76 9.13
N HIS B 66 2.45 -18.66 9.62
CA HIS B 66 1.27 -18.66 8.74
C HIS B 66 1.36 -17.43 7.81
N TYR B 67 1.68 -16.26 8.36
CA TYR B 67 1.82 -15.06 7.51
C TYR B 67 2.84 -15.33 6.39
N MET B 68 4.00 -15.92 6.77
CA MET B 68 5.14 -16.04 5.83
CA MET B 68 5.09 -15.97 5.80
C MET B 68 4.89 -17.01 4.70
N MET B 69 3.99 -17.97 4.91
CA MET B 69 3.75 -18.95 3.82
CA MET B 69 3.69 -19.02 3.92
C MET B 69 2.44 -18.71 3.08
N THR B 70 1.72 -17.64 3.42
CA THR B 70 0.41 -17.44 2.81
C THR B 70 0.45 -16.39 1.69
N PRO B 71 -0.05 -16.75 0.48
CA PRO B 71 -0.11 -15.76 -0.60
C PRO B 71 -0.93 -14.53 -0.18
N TYR B 72 -0.61 -13.39 -0.78
CA TYR B 72 -1.24 -12.11 -0.46
C TYR B 72 -2.78 -12.16 -0.34
N TYR B 73 -3.49 -12.53 -1.41
CA TYR B 73 -4.95 -12.40 -1.35
C TYR B 73 -5.53 -13.32 -0.31
N GLU B 74 -4.89 -14.48 -0.09
CA GLU B 74 -5.35 -15.39 0.94
C GLU B 74 -5.20 -14.78 2.31
N ARG B 75 -4.17 -13.97 2.57
CA ARG B 75 -4.08 -13.36 3.91
C ARG B 75 -5.31 -12.53 4.20
N TYR B 76 -5.86 -11.87 3.18
CA TYR B 76 -7.07 -11.03 3.39
C TYR B 76 -8.33 -11.89 3.52
N VAL B 77 -8.42 -13.04 2.86
CA VAL B 77 -9.50 -13.98 3.14
C VAL B 77 -9.47 -14.33 4.63
N ILE B 78 -8.30 -14.76 5.11
CA ILE B 78 -8.15 -15.09 6.51
C ILE B 78 -8.44 -13.92 7.43
N GLY B 79 -7.94 -12.74 7.07
CA GLY B 79 -8.13 -11.54 7.93
C GLY B 79 -9.60 -11.11 7.99
N VAL B 80 -10.30 -11.06 6.84
CA VAL B 80 -11.71 -10.63 6.87
C VAL B 80 -12.51 -11.69 7.60
N ALA B 81 -12.26 -12.97 7.36
CA ALA B 81 -12.99 -14.01 8.10
C ALA B 81 -12.78 -13.88 9.59
N THR B 82 -11.52 -13.60 10.01
CA THR B 82 -11.26 -13.46 11.43
C THR B 82 -12.08 -12.31 12.02
N LEU B 83 -12.05 -11.15 11.37
CA LEU B 83 -12.82 -10.01 11.87
C LEU B 83 -14.30 -10.37 11.95
N MET B 84 -14.83 -11.07 10.95
CA MET B 84 -16.28 -11.40 11.00
C MET B 84 -16.58 -12.27 12.22
N VAL B 85 -15.66 -13.16 12.58
CA VAL B 85 -15.84 -13.99 13.79
C VAL B 85 -15.69 -13.14 15.04
N GLU B 86 -14.65 -12.31 15.10
CA GLU B 86 -14.42 -11.50 16.30
C GLU B 86 -15.54 -10.51 16.59
N LYS B 87 -16.15 -9.99 15.52
CA LYS B 87 -17.27 -9.03 15.64
C LYS B 87 -18.61 -9.73 15.87
N GLY B 88 -18.64 -11.06 15.98
CA GLY B 88 -19.87 -11.81 16.27
C GLY B 88 -20.80 -12.04 15.08
N ILE B 89 -20.34 -11.75 13.87
CA ILE B 89 -21.14 -11.85 12.65
C ILE B 89 -21.21 -13.28 12.14
N LEU B 90 -20.06 -13.96 12.17
CA LEU B 90 -19.93 -15.34 11.75
C LEU B 90 -19.29 -16.14 12.88
N THR B 91 -19.44 -17.45 12.77
CA THR B 91 -18.69 -18.37 13.67
C THR B 91 -17.64 -19.12 12.89
N GLN B 92 -16.58 -19.52 13.58
CA GLN B 92 -15.58 -20.33 12.89
C GLN B 92 -16.15 -21.67 12.46
N ASP B 93 -17.08 -22.24 13.25
CA ASP B 93 -17.81 -23.49 12.93
CA ASP B 93 -17.57 -23.53 12.86
C ASP B 93 -18.43 -23.42 11.56
N GLU B 94 -19.20 -22.33 11.36
CA GLU B 94 -19.90 -22.25 10.09
C GLU B 94 -18.96 -22.05 8.92
N LEU B 95 -17.86 -21.30 9.12
CA LEU B 95 -16.88 -21.15 8.06
C LEU B 95 -16.24 -22.48 7.69
N GLU B 96 -15.89 -23.28 8.70
CA GLU B 96 -15.26 -24.56 8.43
C GLU B 96 -16.24 -25.55 7.84
N SER B 97 -17.51 -25.47 8.26
CA SER B 97 -18.53 -26.34 7.69
C SER B 97 -18.74 -26.03 6.21
N LEU B 98 -18.81 -24.74 5.89
CA LEU B 98 -19.00 -24.35 4.49
C LEU B 98 -17.75 -24.63 3.67
N ALA B 99 -16.55 -24.44 4.25
CA ALA B 99 -15.30 -24.69 3.54
C ALA B 99 -15.01 -26.17 3.36
N GLY B 100 -15.62 -27.03 4.16
CA GLY B 100 -15.34 -28.48 4.11
C GLY B 100 -14.00 -28.83 4.72
N GLY B 101 -13.49 -28.04 5.64
CA GLY B 101 -12.21 -28.37 6.26
C GLY B 101 -11.69 -27.19 7.07
N PRO B 102 -10.44 -27.29 7.53
CA PRO B 102 -9.90 -26.31 8.46
C PRO B 102 -9.77 -24.91 7.87
N PHE B 103 -10.10 -23.93 8.70
CA PHE B 103 -10.03 -22.53 8.33
C PHE B 103 -9.42 -21.79 9.52
N PRO B 104 -8.12 -22.02 9.76
CA PRO B 104 -7.47 -21.31 10.89
C PRO B 104 -7.45 -19.80 10.63
N LEU B 105 -7.57 -19.04 11.72
CA LEU B 105 -7.76 -17.59 11.66
C LEU B 105 -6.53 -16.88 12.24
N SER B 106 -6.50 -15.56 12.18
CA SER B 106 -5.46 -14.82 12.87
C SER B 106 -5.54 -14.99 14.37
N ARG B 107 -4.44 -14.75 15.06
CA ARG B 107 -4.44 -14.86 16.50
C ARG B 107 -5.15 -13.67 17.15
N PRO B 108 -5.66 -13.87 18.37
CA PRO B 108 -6.26 -12.77 19.11
C PRO B 108 -5.29 -11.63 19.33
N SER B 109 -5.80 -10.43 19.41
CA SER B 109 -4.99 -9.27 19.69
C SER B 109 -4.41 -9.33 21.11
N GLU B 110 -3.16 -8.92 21.27
CA GLU B 110 -2.64 -8.84 22.64
CA GLU B 110 -2.39 -8.84 22.53
C GLU B 110 -2.48 -7.43 23.12
N SER B 111 -3.14 -6.52 22.41
CA SER B 111 -3.18 -5.12 22.83
C SER B 111 -4.59 -4.56 22.59
N GLU B 112 -5.03 -3.71 23.52
CA GLU B 112 -6.30 -2.99 23.31
C GLU B 112 -6.13 -1.75 22.43
N GLY B 113 -4.91 -1.50 21.95
CA GLY B 113 -4.68 -0.27 21.18
C GLY B 113 -4.36 0.89 22.07
N ARG B 114 -4.27 2.07 21.49
CA ARG B 114 -4.02 3.27 22.30
C ARG B 114 -4.74 4.44 21.65
N PRO B 115 -5.08 5.49 22.45
CA PRO B 115 -5.77 6.62 21.86
C PRO B 115 -4.90 7.48 21.01
N ALA B 116 -5.51 8.32 20.21
CA ALA B 116 -4.75 9.40 19.55
C ALA B 116 -4.03 10.20 20.65
N PRO B 117 -2.71 10.49 20.46
CA PRO B 117 -1.92 11.15 21.50
C PRO B 117 -2.56 12.49 21.86
N VAL B 118 -2.50 12.85 23.14
CA VAL B 118 -3.17 14.02 23.65
C VAL B 118 -2.36 15.27 23.32
N GLU B 119 -1.04 15.10 23.33
CA GLU B 119 -0.12 16.19 23.03
C GLU B 119 0.72 15.92 21.80
N THR B 120 0.54 16.76 20.78
CA THR B 120 1.31 16.68 19.55
C THR B 120 1.68 18.08 19.11
N THR B 121 2.45 18.18 18.05
CA THR B 121 2.93 19.44 17.53
C THR B 121 2.54 19.56 16.07
N THR B 122 2.10 20.76 15.67
CA THR B 122 1.98 21.04 14.26
C THR B 122 3.34 21.37 13.68
N PHE B 123 3.80 20.57 12.73
CA PHE B 123 5.11 20.79 12.15
C PHE B 123 4.98 21.49 10.81
N GLU B 124 6.07 22.10 10.36
CA GLU B 124 6.07 22.86 9.10
C GLU B 124 7.06 22.22 8.13
N VAL B 125 6.82 22.42 6.85
CA VAL B 125 7.74 22.01 5.83
C VAL B 125 9.14 22.56 6.13
N GLY B 126 10.13 21.68 6.05
CA GLY B 126 11.51 22.06 6.32
C GLY B 126 11.98 21.83 7.73
N GLN B 127 11.06 21.60 8.65
CA GLN B 127 11.41 21.33 10.04
C GLN B 127 12.00 19.94 10.21
N ARG B 128 12.98 19.85 11.12
CA ARG B 128 13.58 18.55 11.49
C ARG B 128 12.73 17.90 12.60
N VAL B 129 12.42 16.62 12.41
CA VAL B 129 11.61 15.90 13.40
C VAL B 129 12.26 14.55 13.67
N ARG B 130 11.99 14.02 14.85
CA ARG B 130 12.42 12.67 15.17
CA ARG B 130 12.44 12.69 15.24
C ARG B 130 11.18 11.81 15.39
N VAL B 131 11.27 10.56 14.95
CA VAL B 131 10.17 9.65 15.20
C VAL B 131 10.25 9.24 16.66
N ARG B 132 9.15 9.33 17.39
CA ARG B 132 9.15 9.02 18.81
C ARG B 132 9.67 7.61 19.05
N ASP B 133 10.53 7.48 20.05
CA ASP B 133 11.17 6.21 20.40
C ASP B 133 10.20 5.45 21.33
N GLU B 134 9.16 4.92 20.71
CA GLU B 134 8.02 4.29 21.41
C GLU B 134 7.82 2.90 20.84
N TYR B 135 7.35 1.98 21.67
CA TYR B 135 7.02 0.63 21.23
C TYR B 135 5.53 0.39 21.47
N VAL B 136 4.84 0.01 20.41
CA VAL B 136 3.39 -0.13 20.41
C VAL B 136 3.06 -1.59 20.03
N PRO B 137 2.47 -2.36 20.96
CA PRO B 137 2.22 -3.78 20.67
C PRO B 137 1.08 -3.99 19.69
N GLY B 138 0.10 -3.04 19.66
CA GLY B 138 -1.00 -3.17 18.70
C GLY B 138 -0.64 -2.50 17.39
N HIS B 139 -1.68 -2.11 16.65
CA HIS B 139 -1.44 -1.58 15.32
C HIS B 139 -0.70 -0.23 15.38
N ILE B 140 0.25 -0.03 14.46
CA ILE B 140 0.91 1.25 14.30
C ILE B 140 1.38 1.37 12.85
N ARG B 141 1.33 2.57 12.29
CA ARG B 141 1.75 2.81 10.91
C ARG B 141 3.11 3.45 10.84
N MET B 142 3.99 2.92 11.70
CA MET B 142 5.39 3.35 11.72
CA MET B 142 5.39 3.34 11.74
C MET B 142 6.26 2.08 11.52
N PRO B 143 6.91 1.96 10.36
CA PRO B 143 7.80 0.81 10.18
C PRO B 143 9.00 1.00 11.10
N ALA B 144 9.51 -0.10 11.69
CA ALA B 144 10.51 0.05 12.71
C ALA B 144 11.79 0.68 12.23
N TYR B 145 12.09 0.59 10.95
CA TYR B 145 13.34 1.20 10.48
C TYR B 145 13.44 2.69 10.73
N CYS B 146 12.31 3.37 10.96
CA CYS B 146 12.40 4.80 11.22
C CYS B 146 12.22 5.18 12.69
N ARG B 147 11.97 4.20 13.58
CA ARG B 147 11.76 4.54 14.99
C ARG B 147 13.03 5.23 15.53
N GLY B 148 12.85 6.38 16.17
CA GLY B 148 13.97 7.08 16.79
C GLY B 148 14.84 7.84 15.82
N ARG B 149 14.52 7.82 14.52
CA ARG B 149 15.37 8.43 13.51
C ARG B 149 14.91 9.85 13.16
N VAL B 150 15.81 10.65 12.60
CA VAL B 150 15.54 12.04 12.33
C VAL B 150 15.45 12.32 10.84
N GLY B 151 14.45 13.12 10.44
CA GLY B 151 14.32 13.48 9.06
C GLY B 151 13.70 14.86 8.94
N THR B 152 13.38 15.28 7.72
CA THR B 152 12.87 16.64 7.49
C THR B 152 11.50 16.55 6.84
N ILE B 153 10.63 17.45 7.25
CA ILE B 153 9.27 17.44 6.72
C ILE B 153 9.23 17.98 5.27
N SER B 154 8.70 17.19 4.31
CA SER B 154 8.51 17.70 2.98
C SER B 154 7.04 18.05 2.65
N HIS B 155 6.12 17.62 3.50
CA HIS B 155 4.67 17.87 3.25
C HIS B 155 3.91 17.65 4.55
N ARG B 156 2.96 18.53 4.87
CA ARG B 156 1.96 18.28 5.90
C ARG B 156 0.63 18.14 5.16
N THR B 157 -0.10 17.06 5.41
CA THR B 157 -1.31 16.84 4.63
C THR B 157 -2.33 17.94 4.94
N THR B 158 -3.17 18.18 3.94
CA THR B 158 -4.23 19.19 4.08
C THR B 158 -5.55 18.55 4.54
N GLU B 159 -5.56 17.24 4.80
CA GLU B 159 -6.67 16.51 5.39
C GLU B 159 -6.15 15.80 6.63
N LYS B 160 -7.06 15.28 7.41
CA LYS B 160 -6.76 14.60 8.66
C LYS B 160 -7.52 13.29 8.71
N TRP B 161 -6.93 12.31 9.43
CA TRP B 161 -7.53 10.97 9.47
C TRP B 161 -7.42 10.40 10.89
N PRO B 162 -8.25 9.40 11.20
CA PRO B 162 -8.18 8.73 12.51
C PRO B 162 -6.79 8.10 12.76
N PHE B 163 -6.35 8.20 14.01
CA PHE B 163 -5.04 7.60 14.40
C PHE B 163 -5.11 6.09 14.28
N PRO B 164 -4.23 5.47 13.47
CA PRO B 164 -4.38 4.02 13.22
C PRO B 164 -4.32 3.17 14.48
N ASP B 165 -3.51 3.60 15.46
CA ASP B 165 -3.27 2.80 16.65
C ASP B 165 -4.53 2.66 17.49
N ALA B 166 -5.51 3.54 17.21
CA ALA B 166 -6.80 3.48 17.87
C ALA B 166 -7.85 2.87 16.94
N ILE B 167 -8.02 3.41 15.72
CA ILE B 167 -9.05 2.87 14.84
C ILE B 167 -8.77 1.43 14.38
N GLY B 168 -7.49 1.06 14.32
CA GLY B 168 -7.12 -0.33 14.00
C GLY B 168 -7.51 -1.34 15.03
N HIS B 169 -7.98 -0.90 16.20
CA HIS B 169 -8.53 -1.72 17.24
C HIS B 169 -10.02 -1.45 17.44
N GLY B 170 -10.62 -0.64 16.56
CA GLY B 170 -12.09 -0.36 16.69
C GLY B 170 -12.38 0.53 17.89
N ARG B 171 -11.40 1.29 18.35
CA ARG B 171 -11.61 2.18 19.49
C ARG B 171 -12.40 3.44 19.10
N ASN B 172 -12.94 4.10 20.11
CA ASN B 172 -13.75 5.34 19.89
C ASN B 172 -12.93 6.61 20.00
N ASP B 173 -11.62 6.49 20.22
CA ASP B 173 -10.80 7.63 20.55
C ASP B 173 -9.63 7.85 19.58
N ALA B 174 -9.89 7.58 18.32
CA ALA B 174 -8.89 7.79 17.29
C ALA B 174 -8.74 9.24 16.84
N GLY B 175 -9.73 10.10 17.15
CA GLY B 175 -9.60 11.52 16.80
C GLY B 175 -9.31 11.71 15.32
N GLU B 176 -8.52 12.73 15.01
CA GLU B 176 -8.00 12.91 13.65
CA GLU B 176 -8.04 12.95 13.64
C GLU B 176 -6.73 13.71 13.71
N GLU B 177 -5.80 13.36 12.84
CA GLU B 177 -4.49 14.00 12.78
C GLU B 177 -4.13 14.10 11.32
N PRO B 178 -3.33 15.11 10.96
CA PRO B 178 -2.71 15.07 9.63
C PRO B 178 -1.48 14.16 9.68
N THR B 179 -0.95 13.86 8.50
CA THR B 179 0.28 13.09 8.43
C THR B 179 1.32 13.97 7.76
N TYR B 180 2.58 13.51 7.85
CA TYR B 180 3.72 14.28 7.37
C TYR B 180 4.61 13.39 6.54
N HIS B 181 4.97 13.86 5.34
CA HIS B 181 6.01 13.20 4.58
C HIS B 181 7.33 13.56 5.21
N VAL B 182 8.01 12.56 5.81
CA VAL B 182 9.27 12.81 6.49
C VAL B 182 10.37 12.16 5.67
N LYS B 183 11.30 12.98 5.18
CA LYS B 183 12.41 12.49 4.37
C LYS B 183 13.61 12.19 5.22
N PHE B 184 14.02 10.93 5.15
CA PHE B 184 15.23 10.49 5.86
C PHE B 184 16.34 10.25 4.87
N ALA B 185 17.58 10.61 5.23
CA ALA B 185 18.71 10.15 4.44
C ALA B 185 18.81 8.63 4.56
N ALA B 186 19.18 7.95 3.47
CA ALA B 186 19.34 6.49 3.55
C ALA B 186 20.31 6.08 4.68
N GLU B 187 21.38 6.87 4.85
CA GLU B 187 22.36 6.56 5.89
C GLU B 187 21.82 6.71 7.30
N GLU B 188 20.83 7.58 7.48
CA GLU B 188 20.21 7.72 8.78
C GLU B 188 19.51 6.40 9.17
N LEU B 189 18.98 5.68 8.18
CA LEU B 189 18.18 4.49 8.42
C LEU B 189 19.00 3.20 8.42
N PHE B 190 20.04 3.17 7.60
CA PHE B 190 20.78 1.92 7.36
C PHE B 190 22.29 2.09 7.40
N GLY B 191 22.76 3.23 7.90
CA GLY B 191 24.22 3.43 8.00
C GLY B 191 24.84 3.34 6.62
N SER B 192 25.98 2.67 6.53
CA SER B 192 26.64 2.45 5.25
C SER B 192 26.00 1.33 4.40
N ASP B 193 25.06 0.58 4.97
CA ASP B 193 24.59 -0.66 4.35
C ASP B 193 23.29 -0.42 3.59
N THR B 194 23.43 0.37 2.53
CA THR B 194 22.32 0.79 1.69
C THR B 194 22.91 1.34 0.42
N ASP B 195 22.18 1.27 -0.68
CA ASP B 195 22.63 1.89 -1.94
C ASP B 195 21.67 3.02 -2.37
N GLY B 196 20.83 3.45 -1.45
CA GLY B 196 19.77 4.43 -1.79
C GLY B 196 20.17 5.85 -1.51
N GLY B 197 19.21 6.75 -1.66
CA GLY B 197 19.45 8.17 -1.43
C GLY B 197 18.65 8.63 -0.24
N SER B 198 17.32 8.64 -0.38
CA SER B 198 16.48 9.05 0.68
C SER B 198 15.24 8.16 0.69
N VAL B 199 14.57 8.15 1.84
CA VAL B 199 13.37 7.38 2.02
C VAL B 199 12.34 8.33 2.69
N VAL B 200 11.15 8.43 2.12
CA VAL B 200 10.12 9.31 2.65
C VAL B 200 9.02 8.45 3.24
N VAL B 201 8.78 8.62 4.55
CA VAL B 201 7.78 7.83 5.27
C VAL B 201 6.62 8.81 5.59
N ASP B 202 5.38 8.35 5.42
CA ASP B 202 4.21 9.23 5.64
C ASP B 202 3.70 8.96 7.04
N LEU B 203 4.08 9.84 7.98
CA LEU B 203 3.91 9.53 9.41
C LEU B 203 2.84 10.40 10.05
N PHE B 204 1.97 9.75 10.79
CA PHE B 204 0.99 10.47 11.60
C PHE B 204 1.65 11.45 12.56
N GLU B 205 1.02 12.60 12.80
CA GLU B 205 1.57 13.62 13.70
C GLU B 205 1.95 13.02 15.05
N GLY B 206 1.12 12.09 15.56
CA GLY B 206 1.37 11.51 16.88
C GLY B 206 2.57 10.58 16.98
N TYR B 207 3.25 10.30 15.86
CA TYR B 207 4.46 9.51 15.90
C TYR B 207 5.71 10.39 15.93
N LEU B 208 5.55 11.73 15.91
CA LEU B 208 6.67 12.64 15.69
C LEU B 208 6.88 13.54 16.88
N GLU B 209 8.09 14.05 16.98
CA GLU B 209 8.44 15.07 17.99
C GLU B 209 9.51 15.99 17.38
N PRO B 210 9.68 17.21 17.90
CA PRO B 210 10.75 18.06 17.36
C PRO B 210 12.11 17.41 17.54
N ALA B 211 12.99 17.61 16.56
CA ALA B 211 14.33 17.05 16.70
C ALA B 211 15.22 17.92 17.56
FE FE C . -0.23 -1.62 1.74
CL CL D . -12.37 -20.21 -7.36
CL CL E . 10.73 15.92 -18.27
MG MG F . 2.63 14.00 -34.82
C1 GOL G . -19.49 -2.49 -5.77
O1 GOL G . -20.48 -3.37 -6.23
C2 GOL G . -19.09 -1.66 -6.98
O2 GOL G . -20.26 -0.97 -7.40
C3 GOL G . -17.98 -0.67 -6.63
O3 GOL G . -17.59 0.07 -7.77
C1 GOL H . -1.87 16.80 -2.15
O1 GOL H . -1.29 16.64 -3.41
C2 GOL H . -2.98 17.81 -2.32
O2 GOL H . -4.03 17.22 -3.09
C3 GOL H . -3.44 18.06 -0.92
O3 GOL H . -3.84 19.40 -0.79
CL CL I . 5.44 16.60 19.86
CL CL J . 27.16 1.26 9.17
MG MG K . 10.81 -5.76 13.38
MG MG L . -11.89 -26.32 16.11
C4 IBN M . -6.75 -1.86 1.32
C2 IBN M . -6.30 -3.07 2.07
C3 IBN M . -5.38 -2.54 3.22
C1 IBN M . -5.46 -3.54 0.99
N IBN M . -4.93 -4.64 1.32
C1 GOL N . 21.75 -3.60 1.72
O1 GOL N . 20.99 -4.68 2.30
C2 GOL N . 23.03 -4.12 1.06
O2 GOL N . 23.79 -5.06 1.87
C3 GOL N . 23.92 -2.95 0.59
O3 GOL N . 23.26 -1.98 -0.23
C1 GOL O . 17.59 2.47 18.14
O1 GOL O . 18.56 2.46 19.17
C2 GOL O . 17.98 3.55 17.16
O2 GOL O . 18.22 2.89 15.94
C3 GOL O . 16.85 4.58 17.08
O3 GOL O . 16.99 5.51 16.03
C1 GOL P . 5.79 16.61 -3.29
O1 GOL P . 4.41 16.90 -3.29
C2 GOL P . 6.19 16.53 -1.83
O2 GOL P . 7.30 17.39 -1.59
C3 GOL P . 6.40 15.10 -1.39
O3 GOL P . 6.41 15.17 0.01
C1 GOL Q . -15.95 -24.05 17.98
O1 GOL Q . -17.28 -23.94 18.40
C2 GOL Q . -15.90 -24.18 16.46
O2 GOL Q . -15.42 -25.46 16.13
C3 GOL Q . -14.92 -23.18 15.85
O3 GOL Q . -13.68 -23.17 16.52
#